data_2DXD
#
_entry.id   2DXD
#
_cell.length_a   115.622
_cell.length_b   115.622
_cell.length_c   194.171
_cell.angle_alpha   90.00
_cell.angle_beta   90.00
_cell.angle_gamma   120.00
#
_symmetry.space_group_name_H-M   'H 3 2'
#
loop_
_entity.id
_entity.type
_entity.pdbx_description
1 polymer 'Nucleoside diphosphate kinase'
2 non-polymer 'CHLORIDE ION'
3 non-polymer 'ADENOSINE MONOPHOSPHATE'
4 water water
#
_entity_poly.entity_id   1
_entity_poly.type   'polypeptide(L)'
_entity_poly.pdbx_seq_one_letter_code
;MFQMSETERTLVIIKPDAVVRGLIGEIISRFEKKGLKIVGMKMIWIDRELAEKHYEEHREKPFFKALIDYITKTPVVVMV
LEGRYAVEVVRKMAGATDPKDAAPGTIRGDFGLEVSDAICNVIHASDSKESAEREISLFFKPEELFEYPRAADWFYKKGI
;
_entity_poly.pdbx_strand_id   A,B
#
loop_
_chem_comp.id
_chem_comp.type
_chem_comp.name
_chem_comp.formula
AMP non-polymer 'ADENOSINE MONOPHOSPHATE' 'C10 H14 N5 O7 P'
CL non-polymer 'CHLORIDE ION' 'Cl -1'
#
# COMPACT_ATOMS: atom_id res chain seq x y z
N SER A 5 1.51 23.27 15.34
CA SER A 5 1.17 23.02 13.92
C SER A 5 -0.14 22.26 13.79
N GLU A 6 -0.90 22.56 12.74
CA GLU A 6 -2.17 21.88 12.51
C GLU A 6 -1.92 20.50 11.93
N THR A 7 -0.71 20.30 11.40
CA THR A 7 -0.36 19.02 10.80
C THR A 7 -0.19 17.94 11.86
N GLU A 8 -0.77 16.78 11.60
CA GLU A 8 -0.66 15.66 12.52
C GLU A 8 -0.65 14.34 11.77
N ARG A 9 -0.37 13.27 12.49
CA ARG A 9 -0.32 11.93 11.91
C ARG A 9 -1.36 11.05 12.58
N THR A 10 -2.00 10.18 11.81
CA THR A 10 -2.98 9.27 12.35
C THR A 10 -2.74 7.88 11.78
N LEU A 11 -3.21 6.86 12.47
CA LEU A 11 -3.03 5.49 12.01
C LEU A 11 -4.30 4.92 11.40
N VAL A 12 -4.14 4.27 10.25
CA VAL A 12 -5.27 3.64 9.58
C VAL A 12 -4.89 2.19 9.37
N ILE A 13 -5.84 1.30 9.62
CA ILE A 13 -5.61 -0.12 9.36
C ILE A 13 -6.65 -0.50 8.32
N ILE A 14 -6.20 -1.02 7.19
CA ILE A 14 -7.12 -1.49 6.17
C ILE A 14 -7.35 -2.93 6.65
N LYS A 15 -8.54 -3.16 7.22
CA LYS A 15 -8.89 -4.45 7.80
C LYS A 15 -9.02 -5.64 6.86
N PRO A 16 -9.02 -6.86 7.43
CA PRO A 16 -9.14 -8.10 6.64
C PRO A 16 -10.25 -8.12 5.61
N ASP A 17 -11.42 -7.58 5.94
CA ASP A 17 -12.51 -7.59 4.99
C ASP A 17 -12.16 -6.77 3.73
N ALA A 18 -11.48 -5.65 3.92
CA ALA A 18 -11.08 -4.80 2.80
C ALA A 18 -9.97 -5.45 1.98
N VAL A 19 -9.03 -6.11 2.67
CA VAL A 19 -7.93 -6.78 1.99
C VAL A 19 -8.47 -7.93 1.15
N VAL A 20 -9.31 -8.75 1.76
CA VAL A 20 -9.90 -9.90 1.07
C VAL A 20 -10.73 -9.48 -0.14
N ARG A 21 -11.44 -8.36 -0.02
CA ARG A 21 -12.29 -7.87 -1.10
C ARG A 21 -11.54 -7.09 -2.19
N GLY A 22 -10.24 -6.90 -2.01
CA GLY A 22 -9.44 -6.19 -3.01
C GLY A 22 -9.70 -4.70 -3.06
N LEU A 23 -9.88 -4.09 -1.89
CA LEU A 23 -10.16 -2.66 -1.81
C LEU A 23 -8.99 -1.81 -1.29
N ILE A 24 -7.81 -2.41 -1.17
CA ILE A 24 -6.66 -1.65 -0.66
C ILE A 24 -6.41 -0.38 -1.47
N GLY A 25 -6.29 -0.53 -2.78
CA GLY A 25 -6.03 0.61 -3.64
C GLY A 25 -7.06 1.71 -3.59
N GLU A 26 -8.34 1.34 -3.66
CA GLU A 26 -9.41 2.33 -3.64
C GLU A 26 -9.41 3.14 -2.34
N ILE A 27 -9.12 2.49 -1.23
CA ILE A 27 -9.07 3.17 0.07
C ILE A 27 -7.89 4.13 0.08
N ILE A 28 -6.72 3.65 -0.30
CA ILE A 28 -5.53 4.52 -0.33
C ILE A 28 -5.76 5.73 -1.23
N SER A 29 -6.37 5.53 -2.38
CA SER A 29 -6.63 6.62 -3.30
C SER A 29 -7.48 7.73 -2.68
N ARG A 30 -8.46 7.37 -1.87
CA ARG A 30 -9.29 8.40 -1.26
C ARG A 30 -8.45 9.32 -0.37
N PHE A 31 -7.48 8.75 0.32
CA PHE A 31 -6.62 9.56 1.17
C PHE A 31 -5.68 10.42 0.35
N GLU A 32 -5.10 9.84 -0.71
CA GLU A 32 -4.19 10.58 -1.58
C GLU A 32 -4.91 11.74 -2.26
N LYS A 33 -6.12 11.49 -2.74
CA LYS A 33 -6.91 12.51 -3.43
C LYS A 33 -7.30 13.67 -2.51
N LYS A 34 -7.47 13.37 -1.23
CA LYS A 34 -7.84 14.37 -0.22
C LYS A 34 -6.66 15.32 0.02
N GLY A 35 -5.45 14.81 -0.22
CA GLY A 35 -4.25 15.61 -0.01
C GLY A 35 -3.41 15.08 1.14
N LEU A 36 -3.89 14.00 1.76
CA LEU A 36 -3.16 13.39 2.88
C LEU A 36 -1.93 12.65 2.36
N LYS A 37 -0.87 12.66 3.14
CA LYS A 37 0.39 12.01 2.76
C LYS A 37 0.62 10.70 3.51
N ILE A 38 0.99 9.66 2.75
CA ILE A 38 1.28 8.37 3.36
C ILE A 38 2.76 8.45 3.78
N VAL A 39 3.01 8.47 5.08
CA VAL A 39 4.39 8.56 5.56
C VAL A 39 4.92 7.22 6.06
N GLY A 40 4.06 6.21 6.07
CA GLY A 40 4.47 4.88 6.49
C GLY A 40 3.41 3.88 6.06
N MET A 41 3.82 2.67 5.71
CA MET A 41 2.85 1.67 5.30
C MET A 41 3.46 0.29 5.10
N LYS A 42 2.73 -0.74 5.48
CA LYS A 42 3.20 -2.11 5.32
C LYS A 42 2.10 -3.11 5.54
N MET A 43 2.20 -4.23 4.83
CA MET A 43 1.24 -5.31 5.01
C MET A 43 1.84 -6.23 6.05
N ILE A 44 1.06 -6.52 7.09
CA ILE A 44 1.51 -7.39 8.17
C ILE A 44 0.36 -8.31 8.54
N TRP A 45 0.66 -9.37 9.29
CA TRP A 45 -0.40 -10.26 9.74
C TRP A 45 -0.33 -10.17 11.26
N ILE A 46 -1.28 -9.44 11.83
CA ILE A 46 -1.33 -9.23 13.28
C ILE A 46 -1.66 -10.49 14.06
N ASP A 47 -0.86 -10.81 15.09
CA ASP A 47 -1.19 -11.98 15.91
C ASP A 47 -2.06 -11.51 17.08
N ARG A 48 -2.63 -12.44 17.82
CA ARG A 48 -3.50 -12.06 18.93
C ARG A 48 -2.87 -11.11 19.95
N GLU A 49 -1.61 -11.34 20.28
CA GLU A 49 -0.93 -10.48 21.25
C GLU A 49 -0.89 -9.02 20.82
N LEU A 50 -0.48 -8.79 19.58
CA LEU A 50 -0.40 -7.44 19.04
C LEU A 50 -1.80 -6.83 18.93
N ALA A 51 -2.75 -7.64 18.48
CA ALA A 51 -4.13 -7.18 18.34
C ALA A 51 -4.72 -6.73 19.67
N GLU A 52 -4.49 -7.51 20.72
CA GLU A 52 -5.02 -7.16 22.04
C GLU A 52 -4.38 -5.90 22.60
N LYS A 53 -3.13 -5.63 22.21
CA LYS A 53 -2.46 -4.42 22.67
C LYS A 53 -3.11 -3.23 21.97
N HIS A 54 -3.35 -3.38 20.68
CA HIS A 54 -3.96 -2.31 19.90
C HIS A 54 -5.35 -1.97 20.46
N TYR A 55 -6.13 -2.99 20.75
CA TYR A 55 -7.48 -2.80 21.29
C TYR A 55 -7.58 -2.99 22.80
N GLU A 56 -6.48 -2.71 23.50
CA GLU A 56 -6.44 -2.87 24.95
C GLU A 56 -7.57 -2.20 25.73
N GLU A 57 -8.09 -1.08 25.22
CA GLU A 57 -9.17 -0.36 25.91
C GLU A 57 -10.49 -1.11 25.92
N HIS A 58 -10.63 -2.10 25.04
CA HIS A 58 -11.87 -2.87 24.94
C HIS A 58 -11.71 -4.25 25.56
N ARG A 59 -10.60 -4.45 26.26
CA ARG A 59 -10.28 -5.72 26.89
C ARG A 59 -11.43 -6.35 27.69
N GLU A 60 -12.27 -5.51 28.29
CA GLU A 60 -13.40 -6.00 29.08
C GLU A 60 -14.77 -5.90 28.39
N LYS A 61 -14.81 -5.26 27.23
CA LYS A 61 -16.07 -5.11 26.50
C LYS A 61 -16.52 -6.45 25.91
N PRO A 62 -17.83 -6.61 25.67
CA PRO A 62 -18.38 -7.85 25.11
C PRO A 62 -17.82 -8.31 23.77
N PHE A 63 -17.68 -7.37 22.84
CA PHE A 63 -17.19 -7.67 21.50
C PHE A 63 -15.68 -7.91 21.36
N PHE A 64 -14.95 -7.90 22.46
CA PHE A 64 -13.50 -8.07 22.41
C PHE A 64 -12.97 -9.30 21.66
N LYS A 65 -13.36 -10.49 22.10
CA LYS A 65 -12.87 -11.70 21.44
C LYS A 65 -13.15 -11.74 19.95
N ALA A 66 -14.38 -11.40 19.56
CA ALA A 66 -14.75 -11.40 18.15
C ALA A 66 -13.95 -10.34 17.38
N LEU A 67 -13.63 -9.24 18.04
CA LEU A 67 -12.87 -8.17 17.42
C LEU A 67 -11.45 -8.65 17.14
N ILE A 68 -10.87 -9.40 18.07
CA ILE A 68 -9.52 -9.91 17.91
C ILE A 68 -9.50 -10.96 16.79
N ASP A 69 -10.54 -11.80 16.74
CA ASP A 69 -10.63 -12.82 15.70
C ASP A 69 -10.67 -12.15 14.33
N TYR A 70 -11.45 -11.07 14.24
CA TYR A 70 -11.62 -10.33 13.00
C TYR A 70 -10.36 -9.65 12.50
N ILE A 71 -9.71 -8.87 13.36
CA ILE A 71 -8.52 -8.14 12.96
C ILE A 71 -7.30 -9.02 12.65
N THR A 72 -7.34 -10.27 13.10
CA THR A 72 -6.23 -11.20 12.86
C THR A 72 -6.59 -12.28 11.83
N LYS A 73 -7.75 -12.15 11.21
CA LYS A 73 -8.22 -13.14 10.24
C LYS A 73 -7.31 -13.32 9.02
N THR A 74 -6.83 -12.22 8.45
CA THR A 74 -5.93 -12.25 7.30
C THR A 74 -4.97 -11.08 7.47
N PRO A 75 -3.99 -10.95 6.54
CA PRO A 75 -3.08 -9.82 6.69
C PRO A 75 -3.87 -8.53 6.52
N VAL A 76 -3.32 -7.44 7.04
CA VAL A 76 -3.95 -6.13 6.93
C VAL A 76 -2.87 -5.18 6.43
N VAL A 77 -3.26 -3.95 6.13
CA VAL A 77 -2.28 -2.95 5.72
C VAL A 77 -2.36 -1.85 6.77
N VAL A 78 -1.26 -1.62 7.48
CA VAL A 78 -1.24 -0.55 8.47
C VAL A 78 -0.53 0.60 7.80
N MET A 79 -1.05 1.81 7.98
CA MET A 79 -0.43 2.96 7.36
C MET A 79 -0.62 4.22 8.18
N VAL A 80 0.34 5.13 8.05
CA VAL A 80 0.30 6.37 8.77
C VAL A 80 0.05 7.50 7.77
N LEU A 81 -0.98 8.29 8.04
CA LEU A 81 -1.34 9.42 7.19
C LEU A 81 -1.00 10.71 7.88
N GLU A 82 -0.41 11.64 7.14
CA GLU A 82 -0.03 12.93 7.69
C GLU A 82 -0.72 14.06 6.95
N GLY A 83 -1.21 15.04 7.71
CA GLY A 83 -1.89 16.16 7.08
C GLY A 83 -2.56 17.07 8.09
N ARG A 84 -3.08 18.18 7.58
CA ARG A 84 -3.77 19.16 8.42
C ARG A 84 -4.93 18.48 9.13
N TYR A 85 -4.91 18.52 10.47
CA TYR A 85 -5.97 17.91 11.28
C TYR A 85 -6.30 16.50 10.79
N ALA A 86 -5.28 15.75 10.43
CA ALA A 86 -5.47 14.39 9.91
C ALA A 86 -6.32 13.47 10.77
N VAL A 87 -6.17 13.52 12.09
CA VAL A 87 -6.95 12.63 12.94
C VAL A 87 -8.46 12.76 12.75
N GLU A 88 -9.00 13.96 12.96
CA GLU A 88 -10.44 14.13 12.81
C GLU A 88 -10.89 14.02 11.36
N VAL A 89 -10.04 14.47 10.43
CA VAL A 89 -10.39 14.39 9.02
C VAL A 89 -10.54 12.95 8.55
N VAL A 90 -9.60 12.09 8.95
CA VAL A 90 -9.70 10.69 8.55
C VAL A 90 -10.91 10.01 9.20
N ARG A 91 -11.23 10.38 10.43
CA ARG A 91 -12.39 9.80 11.10
C ARG A 91 -13.66 10.20 10.34
N LYS A 92 -13.67 11.44 9.84
CA LYS A 92 -14.81 11.95 9.08
C LYS A 92 -14.94 11.18 7.76
N MET A 93 -13.82 10.94 7.11
CA MET A 93 -13.80 10.21 5.83
C MET A 93 -14.24 8.77 6.04
N ALA A 94 -13.91 8.20 7.20
CA ALA A 94 -14.27 6.81 7.50
C ALA A 94 -15.77 6.59 7.63
N GLY A 95 -16.45 7.49 8.32
CA GLY A 95 -17.89 7.35 8.50
C GLY A 95 -18.24 6.59 9.76
N ALA A 96 -19.54 6.42 10.00
CA ALA A 96 -20.04 5.72 11.19
C ALA A 96 -19.42 4.35 11.42
N THR A 97 -19.18 4.02 12.68
CA THR A 97 -18.59 2.74 13.06
C THR A 97 -19.27 1.54 12.41
N ASP A 98 -20.61 1.52 12.41
CA ASP A 98 -21.34 0.43 11.77
C ASP A 98 -21.65 0.95 10.36
N PRO A 99 -21.07 0.31 9.34
CA PRO A 99 -21.28 0.72 7.94
C PRO A 99 -22.72 0.94 7.49
N LYS A 100 -23.68 0.25 8.10
CA LYS A 100 -25.07 0.45 7.69
C LYS A 100 -25.53 1.86 8.02
N ASP A 101 -24.91 2.47 9.02
CA ASP A 101 -25.26 3.83 9.44
C ASP A 101 -24.38 4.89 8.77
N ALA A 102 -23.32 4.46 8.11
CA ALA A 102 -22.40 5.38 7.46
C ALA A 102 -22.99 6.05 6.23
N ALA A 103 -22.73 7.35 6.09
CA ALA A 103 -23.26 8.13 4.98
C ALA A 103 -22.60 7.83 3.64
N PRO A 104 -23.39 7.84 2.56
CA PRO A 104 -22.83 7.59 1.23
C PRO A 104 -21.74 8.66 1.04
N GLY A 105 -20.61 8.26 0.46
CA GLY A 105 -19.53 9.22 0.29
C GLY A 105 -18.38 8.90 1.23
N THR A 106 -18.70 8.33 2.39
CA THR A 106 -17.65 7.96 3.35
C THR A 106 -17.14 6.58 2.95
N ILE A 107 -15.98 6.19 3.49
CA ILE A 107 -15.40 4.89 3.17
C ILE A 107 -16.31 3.75 3.62
N ARG A 108 -16.76 3.81 4.87
CA ARG A 108 -17.64 2.75 5.35
C ARG A 108 -19.00 2.82 4.67
N GLY A 109 -19.46 4.04 4.40
CA GLY A 109 -20.75 4.19 3.74
C GLY A 109 -20.78 3.63 2.34
N ASP A 110 -19.68 3.76 1.59
CA ASP A 110 -19.63 3.26 0.24
C ASP A 110 -19.21 1.80 0.10
N PHE A 111 -18.35 1.34 1.00
CA PHE A 111 -17.83 -0.04 0.92
C PHE A 111 -18.32 -1.06 1.92
N GLY A 112 -18.84 -0.62 3.06
CA GLY A 112 -19.25 -1.59 4.07
C GLY A 112 -20.72 -1.80 4.30
N LEU A 113 -21.05 -2.98 4.85
CA LEU A 113 -22.42 -3.32 5.17
C LEU A 113 -22.52 -4.64 5.94
N GLU A 114 -22.07 -5.72 5.31
CA GLU A 114 -22.14 -7.05 5.93
C GLU A 114 -21.23 -7.22 7.14
N VAL A 115 -21.70 -8.00 8.10
CA VAL A 115 -20.94 -8.24 9.31
C VAL A 115 -20.85 -9.73 9.66
N SER A 116 -19.88 -10.08 10.50
CA SER A 116 -19.69 -11.44 10.95
C SER A 116 -20.07 -11.38 12.41
N ASP A 117 -19.32 -12.07 13.28
CA ASP A 117 -19.62 -11.99 14.70
C ASP A 117 -19.12 -10.61 15.14
N ALA A 118 -18.28 -10.01 14.31
CA ALA A 118 -17.74 -8.67 14.58
C ALA A 118 -18.36 -7.69 13.58
N ILE A 119 -18.39 -6.41 13.93
CA ILE A 119 -18.95 -5.41 13.03
C ILE A 119 -17.88 -5.02 12.01
N CYS A 120 -17.76 -5.81 10.96
CA CYS A 120 -16.78 -5.56 9.91
C CYS A 120 -17.01 -4.18 9.33
N ASN A 121 -16.00 -3.31 9.42
CA ASN A 121 -16.17 -1.96 8.92
C ASN A 121 -15.04 -1.35 8.09
N VAL A 122 -14.43 -2.20 7.26
CA VAL A 122 -13.40 -1.80 6.30
C VAL A 122 -12.06 -1.26 6.82
N ILE A 123 -12.09 -0.22 7.63
CA ILE A 123 -10.85 0.33 8.15
C ILE A 123 -10.94 0.72 9.62
N HIS A 124 -9.77 0.98 10.19
CA HIS A 124 -9.64 1.45 11.56
C HIS A 124 -9.02 2.83 11.38
N ALA A 125 -9.41 3.78 12.23
CA ALA A 125 -8.84 5.13 12.19
C ALA A 125 -8.67 5.55 13.64
N SER A 126 -7.48 6.06 13.98
CA SER A 126 -7.22 6.50 15.36
C SER A 126 -8.32 7.48 15.77
N ASP A 127 -8.80 7.37 17.02
CA ASP A 127 -9.85 8.25 17.47
C ASP A 127 -9.39 9.56 18.10
N SER A 128 -8.08 9.75 18.23
CA SER A 128 -7.54 10.99 18.81
C SER A 128 -6.04 11.04 18.59
N LYS A 129 -5.45 12.21 18.83
CA LYS A 129 -4.01 12.37 18.67
C LYS A 129 -3.28 11.46 19.66
N GLU A 130 -3.82 11.34 20.86
CA GLU A 130 -3.20 10.49 21.88
C GLU A 130 -3.22 9.04 21.43
N SER A 131 -4.36 8.58 20.92
CA SER A 131 -4.47 7.21 20.45
C SER A 131 -3.59 6.99 19.23
N ALA A 132 -3.52 7.99 18.35
CA ALA A 132 -2.70 7.90 17.15
C ALA A 132 -1.23 7.69 17.51
N GLU A 133 -0.73 8.50 18.44
CA GLU A 133 0.67 8.37 18.85
C GLU A 133 0.96 6.98 19.41
N ARG A 134 0.03 6.47 20.22
CA ARG A 134 0.21 5.16 20.82
C ARG A 134 0.17 4.06 19.75
N GLU A 135 -0.84 4.14 18.88
CA GLU A 135 -1.01 3.15 17.82
C GLU A 135 0.13 3.15 16.81
N ILE A 136 0.60 4.34 16.43
CA ILE A 136 1.70 4.42 15.48
C ILE A 136 2.97 3.78 16.05
N SER A 137 3.23 4.02 17.34
CA SER A 137 4.41 3.46 17.98
C SER A 137 4.30 1.94 18.14
N LEU A 138 3.07 1.46 18.22
CA LEU A 138 2.84 0.03 18.38
C LEU A 138 3.14 -0.75 17.10
N PHE A 139 2.79 -0.17 15.96
CA PHE A 139 3.00 -0.84 14.68
C PHE A 139 4.23 -0.45 13.88
N PHE A 140 4.75 0.75 14.13
CA PHE A 140 5.90 1.23 13.39
C PHE A 140 7.12 1.62 14.21
N LYS A 141 8.30 1.40 13.63
CA LYS A 141 9.55 1.80 14.26
C LYS A 141 9.79 3.17 13.61
N PRO A 142 10.47 4.08 14.31
CA PRO A 142 10.74 5.41 13.77
C PRO A 142 11.32 5.43 12.35
N GLU A 143 12.19 4.48 12.05
CA GLU A 143 12.83 4.41 10.74
C GLU A 143 11.90 4.01 9.60
N GLU A 144 10.67 3.62 9.94
CA GLU A 144 9.69 3.20 8.93
C GLU A 144 8.74 4.35 8.58
N LEU A 145 8.97 5.53 9.16
CA LEU A 145 8.14 6.70 8.92
C LEU A 145 9.00 7.75 8.23
N PHE A 146 8.51 8.29 7.13
CA PHE A 146 9.28 9.24 6.34
C PHE A 146 8.76 10.66 6.16
N GLU A 147 9.69 11.58 5.92
CA GLU A 147 9.37 12.98 5.68
C GLU A 147 9.84 13.25 4.27
N TYR A 148 8.91 13.48 3.37
CA TYR A 148 9.25 13.72 1.96
C TYR A 148 8.17 14.58 1.32
N PRO A 149 8.49 15.18 0.16
CA PRO A 149 7.49 16.02 -0.51
C PRO A 149 6.51 15.35 -1.46
N ARG A 150 5.24 15.71 -1.32
CA ARG A 150 4.23 15.24 -2.25
C ARG A 150 4.26 16.35 -3.30
N ALA A 151 3.82 16.05 -4.51
CA ALA A 151 3.86 17.00 -5.61
C ALA A 151 3.46 18.45 -5.32
N ALA A 152 2.26 18.66 -4.76
CA ALA A 152 1.77 20.00 -4.50
C ALA A 152 2.13 20.67 -3.18
N ASP A 153 3.01 20.05 -2.38
CA ASP A 153 3.39 20.64 -1.10
C ASP A 153 3.82 22.11 -1.23
N TRP A 154 4.64 22.41 -2.24
CA TRP A 154 5.14 23.76 -2.44
C TRP A 154 4.04 24.83 -2.59
N PHE A 155 2.90 24.43 -3.12
CA PHE A 155 1.78 25.35 -3.34
C PHE A 155 1.27 25.97 -2.03
N TYR A 156 1.30 25.19 -0.96
CA TYR A 156 0.78 25.63 0.32
C TYR A 156 1.77 26.36 1.24
N LYS A 157 2.98 26.60 0.75
CA LYS A 157 3.99 27.30 1.54
C LYS A 157 3.37 28.57 2.12
N LYS A 158 3.39 28.69 3.45
CA LYS A 158 2.83 29.85 4.11
C LYS A 158 3.87 30.95 4.31
N SER B 5 3.39 -25.46 -11.33
CA SER B 5 2.24 -24.54 -11.12
C SER B 5 2.40 -23.29 -11.99
N GLU B 6 1.27 -22.68 -12.35
CA GLU B 6 1.30 -21.48 -13.17
C GLU B 6 1.38 -20.24 -12.28
N THR B 7 1.08 -20.40 -11.00
CA THR B 7 1.12 -19.31 -10.05
C THR B 7 2.55 -18.84 -9.81
N GLU B 8 2.79 -17.55 -9.98
CA GLU B 8 4.12 -16.98 -9.80
C GLU B 8 4.03 -15.75 -8.91
N ARG B 9 5.19 -15.26 -8.50
CA ARG B 9 5.27 -14.05 -7.68
C ARG B 9 6.23 -13.12 -8.41
N THR B 10 5.89 -11.84 -8.46
CA THR B 10 6.74 -10.86 -9.12
C THR B 10 6.86 -9.63 -8.23
N LEU B 11 7.92 -8.87 -8.42
CA LEU B 11 8.14 -7.67 -7.63
C LEU B 11 7.77 -6.41 -8.39
N VAL B 12 7.03 -5.53 -7.73
CA VAL B 12 6.65 -4.26 -8.32
C VAL B 12 7.14 -3.17 -7.39
N ILE B 13 7.69 -2.11 -7.96
CA ILE B 13 8.12 -0.97 -7.18
C ILE B 13 7.33 0.22 -7.70
N ILE B 14 6.57 0.86 -6.83
CA ILE B 14 5.83 2.06 -7.21
C ILE B 14 6.89 3.12 -6.97
N LYS B 15 7.47 3.62 -8.06
CA LYS B 15 8.56 4.60 -8.03
C LYS B 15 8.22 5.97 -7.47
N PRO B 16 9.27 6.75 -7.10
CA PRO B 16 9.09 8.09 -6.54
C PRO B 16 8.14 9.02 -7.31
N ASP B 17 8.17 8.96 -8.64
CA ASP B 17 7.28 9.84 -9.40
C ASP B 17 5.81 9.49 -9.11
N ALA B 18 5.51 8.21 -8.96
CA ALA B 18 4.14 7.79 -8.67
C ALA B 18 3.76 8.16 -7.24
N VAL B 19 4.68 7.97 -6.31
CA VAL B 19 4.41 8.29 -4.91
C VAL B 19 4.16 9.79 -4.75
N VAL B 20 5.05 10.59 -5.33
CA VAL B 20 4.94 12.04 -5.27
C VAL B 20 3.63 12.54 -5.88
N ARG B 21 3.20 11.91 -6.97
CA ARG B 21 1.98 12.32 -7.65
C ARG B 21 0.69 11.78 -7.03
N GLY B 22 0.82 10.97 -5.99
CA GLY B 22 -0.35 10.41 -5.32
C GLY B 22 -1.07 9.35 -6.12
N LEU B 23 -0.31 8.50 -6.80
CA LEU B 23 -0.88 7.43 -7.63
C LEU B 23 -0.75 6.04 -7.03
N ILE B 24 -0.34 5.94 -5.77
CA ILE B 24 -0.17 4.63 -5.15
C ILE B 24 -1.44 3.78 -5.21
N GLY B 25 -2.55 4.35 -4.75
CA GLY B 25 -3.81 3.64 -4.74
C GLY B 25 -4.31 3.20 -6.10
N GLU B 26 -4.26 4.10 -7.07
CA GLU B 26 -4.73 3.79 -8.42
C GLU B 26 -3.94 2.64 -9.05
N ILE B 27 -2.64 2.59 -8.77
CA ILE B 27 -1.79 1.54 -9.30
C ILE B 27 -2.14 0.21 -8.63
N ILE B 28 -2.23 0.22 -7.31
CA ILE B 28 -2.56 -0.99 -6.56
C ILE B 28 -3.92 -1.54 -7.01
N SER B 29 -4.89 -0.65 -7.19
CA SER B 29 -6.22 -1.08 -7.61
C SER B 29 -6.21 -1.83 -8.94
N ARG B 30 -5.35 -1.42 -9.87
CA ARG B 30 -5.28 -2.11 -11.15
C ARG B 30 -4.87 -3.56 -10.96
N PHE B 31 -3.97 -3.81 -10.02
CA PHE B 31 -3.53 -5.17 -9.77
C PHE B 31 -4.61 -5.97 -9.06
N GLU B 32 -5.28 -5.35 -8.10
CA GLU B 32 -6.34 -6.04 -7.37
C GLU B 32 -7.49 -6.40 -8.30
N LYS B 33 -7.87 -5.47 -9.17
CA LYS B 33 -8.98 -5.68 -10.10
C LYS B 33 -8.66 -6.77 -11.13
N LYS B 34 -7.39 -6.93 -11.45
CA LYS B 34 -6.96 -7.95 -12.40
C LYS B 34 -7.10 -9.34 -11.77
N GLY B 35 -7.05 -9.38 -10.44
CA GLY B 35 -7.17 -10.65 -9.75
C GLY B 35 -5.88 -11.05 -9.06
N LEU B 36 -4.85 -10.21 -9.20
CA LEU B 36 -3.56 -10.48 -8.57
C LEU B 36 -3.67 -10.26 -7.06
N LYS B 37 -2.92 -11.04 -6.30
CA LYS B 37 -2.93 -10.95 -4.86
C LYS B 37 -1.67 -10.29 -4.31
N ILE B 38 -1.85 -9.34 -3.41
CA ILE B 38 -0.71 -8.66 -2.81
C ILE B 38 -0.29 -9.53 -1.62
N VAL B 39 0.88 -10.16 -1.71
CA VAL B 39 1.33 -11.02 -0.63
C VAL B 39 2.40 -10.37 0.24
N GLY B 40 2.81 -9.16 -0.14
CA GLY B 40 3.81 -8.43 0.62
C GLY B 40 3.83 -7.00 0.14
N MET B 41 4.01 -6.05 1.04
CA MET B 41 4.06 -4.65 0.65
C MET B 41 4.52 -3.75 1.78
N LYS B 42 5.27 -2.71 1.42
CA LYS B 42 5.74 -1.76 2.41
C LYS B 42 6.33 -0.53 1.76
N MET B 43 6.24 0.60 2.46
CA MET B 43 6.82 1.83 1.97
C MET B 43 8.21 1.88 2.61
N ILE B 44 9.23 2.08 1.78
CA ILE B 44 10.61 2.16 2.24
C ILE B 44 11.30 3.26 1.47
N TRP B 45 12.44 3.73 1.97
CA TRP B 45 13.20 4.74 1.26
C TRP B 45 14.48 4.00 0.91
N ILE B 46 14.58 3.58 -0.35
CA ILE B 46 15.73 2.82 -0.82
C ILE B 46 17.04 3.59 -0.75
N ASP B 47 18.08 2.94 -0.22
CA ASP B 47 19.39 3.55 -0.12
C ASP B 47 20.13 3.27 -1.43
N ARG B 48 21.15 4.06 -1.72
CA ARG B 48 21.89 3.88 -2.97
C ARG B 48 22.47 2.48 -3.18
N GLU B 49 23.03 1.89 -2.13
CA GLU B 49 23.60 0.57 -2.28
C GLU B 49 22.55 -0.48 -2.64
N LEU B 50 21.38 -0.40 -2.01
CA LEU B 50 20.30 -1.35 -2.30
C LEU B 50 19.81 -1.13 -3.73
N ALA B 51 19.69 0.12 -4.13
CA ALA B 51 19.24 0.47 -5.47
C ALA B 51 20.20 -0.09 -6.52
N GLU B 52 21.50 0.00 -6.23
CA GLU B 52 22.50 -0.50 -7.18
C GLU B 52 22.49 -2.02 -7.28
N LYS B 53 22.07 -2.69 -6.21
CA LYS B 53 21.99 -4.14 -6.24
C LYS B 53 20.79 -4.51 -7.10
N HIS B 54 19.68 -3.80 -6.89
CA HIS B 54 18.47 -4.04 -7.66
C HIS B 54 18.74 -3.89 -9.15
N TYR B 55 19.46 -2.83 -9.52
CA TYR B 55 19.77 -2.56 -10.92
C TYR B 55 21.18 -2.96 -11.32
N GLU B 56 21.74 -3.95 -10.66
CA GLU B 56 23.10 -4.39 -10.94
C GLU B 56 23.39 -4.74 -12.40
N GLU B 57 22.37 -5.18 -13.13
CA GLU B 57 22.56 -5.55 -14.53
C GLU B 57 22.86 -4.34 -15.42
N HIS B 58 22.54 -3.14 -14.94
CA HIS B 58 22.76 -1.92 -15.72
C HIS B 58 23.92 -1.07 -15.20
N ARG B 59 24.69 -1.61 -14.26
CA ARG B 59 25.79 -0.86 -13.67
C ARG B 59 26.76 -0.19 -14.65
N GLU B 60 26.93 -0.78 -15.83
CA GLU B 60 27.86 -0.22 -16.82
C GLU B 60 27.18 0.65 -17.87
N LYS B 61 25.86 0.77 -17.80
CA LYS B 61 25.11 1.57 -18.76
C LYS B 61 25.14 3.07 -18.41
N PRO B 62 25.15 3.94 -19.43
CA PRO B 62 25.18 5.40 -19.29
C PRO B 62 24.12 6.02 -18.37
N PHE B 63 22.94 5.42 -18.34
CA PHE B 63 21.85 5.96 -17.52
C PHE B 63 21.82 5.43 -16.09
N PHE B 64 22.81 4.60 -15.74
CA PHE B 64 22.86 4.00 -14.41
C PHE B 64 22.74 4.97 -13.22
N LYS B 65 23.66 5.92 -13.11
CA LYS B 65 23.60 6.84 -11.97
C LYS B 65 22.28 7.60 -11.89
N ALA B 66 21.80 8.09 -13.03
CA ALA B 66 20.54 8.83 -13.04
C ALA B 66 19.42 7.95 -12.54
N LEU B 67 19.51 6.65 -12.84
CA LEU B 67 18.49 5.70 -12.40
C LEU B 67 18.54 5.55 -10.88
N ILE B 68 19.75 5.52 -10.33
CA ILE B 68 19.90 5.39 -8.89
C ILE B 68 19.37 6.65 -8.19
N ASP B 69 19.68 7.82 -8.76
CA ASP B 69 19.22 9.09 -8.19
C ASP B 69 17.69 9.11 -8.18
N TYR B 70 17.10 8.65 -9.27
CA TYR B 70 15.65 8.63 -9.43
C TYR B 70 14.94 7.68 -8.47
N ILE B 71 15.38 6.42 -8.40
CA ILE B 71 14.72 5.44 -7.53
C ILE B 71 14.89 5.71 -6.02
N THR B 72 15.87 6.54 -5.67
CA THR B 72 16.11 6.87 -4.26
C THR B 72 15.71 8.30 -3.93
N LYS B 73 15.02 8.97 -4.86
CA LYS B 73 14.63 10.37 -4.67
C LYS B 73 13.66 10.60 -3.50
N THR B 74 12.71 9.70 -3.33
CA THR B 74 11.73 9.78 -2.24
C THR B 74 11.38 8.34 -1.89
N PRO B 75 10.54 8.13 -0.86
CA PRO B 75 10.20 6.75 -0.53
C PRO B 75 9.43 6.16 -1.71
N VAL B 76 9.37 4.83 -1.75
CA VAL B 76 8.66 4.11 -2.79
C VAL B 76 7.84 3.05 -2.07
N VAL B 77 7.00 2.34 -2.82
CA VAL B 77 6.25 1.25 -2.22
C VAL B 77 6.67 0.00 -2.98
N VAL B 78 7.26 -0.96 -2.28
CA VAL B 78 7.65 -2.21 -2.92
C VAL B 78 6.57 -3.21 -2.55
N MET B 79 6.20 -4.05 -3.50
CA MET B 79 5.17 -5.04 -3.23
C MET B 79 5.37 -6.28 -4.08
N VAL B 80 4.87 -7.40 -3.57
CA VAL B 80 4.98 -8.67 -4.26
C VAL B 80 3.57 -9.08 -4.67
N LEU B 81 3.38 -9.32 -5.96
CA LEU B 81 2.09 -9.72 -6.50
C LEU B 81 2.15 -11.19 -6.86
N GLU B 82 1.10 -11.92 -6.53
CA GLU B 82 1.04 -13.35 -6.79
C GLU B 82 -0.15 -13.70 -7.65
N GLY B 83 0.05 -14.58 -8.62
CA GLY B 83 -1.04 -14.96 -9.49
C GLY B 83 -0.58 -15.75 -10.69
N ARG B 84 -1.53 -16.25 -11.46
CA ARG B 84 -1.26 -17.02 -12.66
C ARG B 84 -0.39 -16.22 -13.63
N TYR B 85 0.79 -16.75 -13.94
CA TYR B 85 1.73 -16.09 -14.86
C TYR B 85 1.94 -14.62 -14.49
N ALA B 86 1.99 -14.34 -13.20
CA ALA B 86 2.16 -12.98 -12.71
C ALA B 86 3.31 -12.18 -13.32
N VAL B 87 4.46 -12.80 -13.53
CA VAL B 87 5.59 -12.05 -14.08
C VAL B 87 5.28 -11.43 -15.45
N GLU B 88 4.88 -12.25 -16.42
CA GLU B 88 4.59 -11.72 -17.75
C GLU B 88 3.35 -10.81 -17.76
N VAL B 89 2.37 -11.15 -16.93
CA VAL B 89 1.13 -10.36 -16.86
C VAL B 89 1.39 -8.95 -16.35
N VAL B 90 2.14 -8.84 -15.26
CA VAL B 90 2.43 -7.52 -14.72
C VAL B 90 3.29 -6.72 -15.69
N ARG B 91 4.19 -7.39 -16.42
CA ARG B 91 5.03 -6.70 -17.40
C ARG B 91 4.14 -6.12 -18.50
N LYS B 92 3.13 -6.88 -18.89
CA LYS B 92 2.20 -6.45 -19.93
C LYS B 92 1.40 -5.25 -19.43
N MET B 93 0.95 -5.33 -18.17
CA MET B 93 0.18 -4.24 -17.56
C MET B 93 1.00 -2.97 -17.44
N ALA B 94 2.30 -3.10 -17.21
CA ALA B 94 3.17 -1.93 -17.06
C ALA B 94 3.32 -1.16 -18.36
N GLY B 95 3.54 -1.87 -19.46
CA GLY B 95 3.71 -1.20 -20.74
C GLY B 95 5.15 -0.86 -21.06
N ALA B 96 5.38 -0.26 -22.23
CA ALA B 96 6.71 0.11 -22.69
C ALA B 96 7.56 0.88 -21.68
N THR B 97 8.86 0.60 -21.67
CA THR B 97 9.80 1.24 -20.75
C THR B 97 9.67 2.76 -20.76
N ASP B 98 9.64 3.36 -21.95
CA ASP B 98 9.49 4.80 -22.08
C ASP B 98 7.98 5.03 -22.18
N PRO B 99 7.37 5.69 -21.19
CA PRO B 99 5.93 5.97 -21.18
C PRO B 99 5.35 6.59 -22.44
N LYS B 100 6.15 7.35 -23.20
CA LYS B 100 5.62 7.96 -24.41
C LYS B 100 5.28 6.89 -25.44
N ASP B 101 5.94 5.74 -25.35
CA ASP B 101 5.70 4.63 -26.28
C ASP B 101 4.70 3.62 -25.75
N ALA B 102 4.33 3.76 -24.48
CA ALA B 102 3.40 2.83 -23.85
C ALA B 102 1.97 3.02 -24.33
N ALA B 103 1.29 1.91 -24.60
CA ALA B 103 -0.08 1.93 -25.09
C ALA B 103 -1.09 2.40 -24.07
N PRO B 104 -2.11 3.16 -24.53
CA PRO B 104 -3.14 3.64 -23.60
C PRO B 104 -3.75 2.37 -23.01
N GLY B 105 -4.02 2.38 -21.70
CA GLY B 105 -4.57 1.21 -21.06
C GLY B 105 -3.56 0.59 -20.12
N THR B 106 -2.27 0.74 -20.44
CA THR B 106 -1.20 0.23 -19.59
C THR B 106 -0.94 1.27 -18.51
N ILE B 107 -0.26 0.87 -17.44
CA ILE B 107 0.05 1.78 -16.34
C ILE B 107 0.92 2.93 -16.82
N ARG B 108 1.99 2.62 -17.54
CA ARG B 108 2.87 3.67 -18.03
C ARG B 108 2.17 4.47 -19.13
N GLY B 109 1.35 3.79 -19.93
CA GLY B 109 0.63 4.47 -20.99
C GLY B 109 -0.35 5.50 -20.48
N ASP B 110 -1.03 5.18 -19.39
CA ASP B 110 -2.02 6.10 -18.83
C ASP B 110 -1.47 7.15 -17.87
N PHE B 111 -0.41 6.79 -17.13
CA PHE B 111 0.15 7.71 -16.13
C PHE B 111 1.50 8.35 -16.39
N GLY B 112 2.32 7.80 -17.28
CA GLY B 112 3.63 8.37 -17.50
C GLY B 112 3.88 9.13 -18.79
N LEU B 113 4.86 10.02 -18.75
CA LEU B 113 5.25 10.81 -19.91
C LEU B 113 6.51 11.63 -19.66
N GLU B 114 6.45 12.53 -18.68
CA GLU B 114 7.58 13.39 -18.39
C GLU B 114 8.78 12.66 -17.82
N VAL B 115 9.97 13.14 -18.16
CA VAL B 115 11.20 12.51 -17.69
C VAL B 115 12.18 13.53 -17.12
N SER B 116 13.08 13.04 -16.28
CA SER B 116 14.12 13.89 -15.68
C SER B 116 15.38 13.42 -16.38
N ASP B 117 16.49 13.34 -15.65
CA ASP B 117 17.72 12.84 -16.26
C ASP B 117 17.48 11.35 -16.47
N ALA B 118 16.48 10.82 -15.77
CA ALA B 118 16.10 9.41 -15.87
C ALA B 118 14.75 9.31 -16.57
N ILE B 119 14.49 8.16 -17.19
CA ILE B 119 13.22 7.95 -17.88
C ILE B 119 12.20 7.53 -16.83
N CYS B 120 11.60 8.52 -16.17
CA CYS B 120 10.62 8.26 -15.13
C CYS B 120 9.47 7.46 -15.74
N ASN B 121 9.20 6.28 -15.19
CA ASN B 121 8.15 5.46 -15.75
C ASN B 121 7.20 4.78 -14.77
N VAL B 122 6.83 5.53 -13.73
CA VAL B 122 5.84 5.09 -12.75
C VAL B 122 6.10 3.87 -11.88
N ILE B 123 6.38 2.73 -12.48
CA ILE B 123 6.64 1.52 -11.70
C ILE B 123 7.75 0.67 -12.29
N HIS B 124 8.20 -0.29 -11.49
CA HIS B 124 9.18 -1.27 -11.91
C HIS B 124 8.43 -2.60 -11.83
N ALA B 125 8.73 -3.51 -12.75
CA ALA B 125 8.14 -4.83 -12.75
C ALA B 125 9.23 -5.81 -13.14
N SER B 126 9.38 -6.88 -12.37
CA SER B 126 10.39 -7.90 -12.66
C SER B 126 10.26 -8.34 -14.12
N ASP B 127 11.39 -8.51 -14.80
CA ASP B 127 11.33 -8.91 -16.21
C ASP B 127 11.25 -10.41 -16.47
N SER B 128 11.56 -11.22 -15.46
CA SER B 128 11.53 -12.68 -15.61
C SER B 128 11.35 -13.36 -14.26
N LYS B 129 11.07 -14.66 -14.28
CA LYS B 129 10.90 -15.40 -13.03
C LYS B 129 12.21 -15.37 -12.24
N GLU B 130 13.32 -15.47 -12.95
CA GLU B 130 14.64 -15.45 -12.32
C GLU B 130 14.88 -14.12 -11.63
N SER B 131 14.61 -13.02 -12.35
CA SER B 131 14.80 -11.69 -11.79
C SER B 131 13.84 -11.46 -10.62
N ALA B 132 12.62 -11.95 -10.76
CA ALA B 132 11.61 -11.79 -9.73
C ALA B 132 12.07 -12.44 -8.43
N GLU B 133 12.59 -13.66 -8.51
CA GLU B 133 13.06 -14.35 -7.32
C GLU B 133 14.18 -13.58 -6.64
N ARG B 134 15.11 -13.05 -7.44
CA ARG B 134 16.23 -12.29 -6.90
C ARG B 134 15.78 -10.97 -6.30
N GLU B 135 14.93 -10.25 -7.03
CA GLU B 135 14.44 -8.95 -6.57
C GLU B 135 13.58 -9.05 -5.30
N ILE B 136 12.72 -10.05 -5.24
CA ILE B 136 11.87 -10.23 -4.07
C ILE B 136 12.74 -10.44 -2.83
N SER B 137 13.78 -11.26 -2.96
CA SER B 137 14.68 -11.53 -1.84
C SER B 137 15.48 -10.30 -1.40
N LEU B 138 15.71 -9.38 -2.33
CA LEU B 138 16.45 -8.16 -2.00
C LEU B 138 15.66 -7.23 -1.08
N PHE B 139 14.36 -7.17 -1.28
CA PHE B 139 13.50 -6.28 -0.50
C PHE B 139 12.67 -6.92 0.60
N PHE B 140 12.43 -8.22 0.50
CA PHE B 140 11.59 -8.90 1.49
C PHE B 140 12.18 -10.12 2.17
N LYS B 141 11.86 -10.26 3.45
CA LYS B 141 12.28 -11.43 4.22
C LYS B 141 11.05 -12.34 4.15
N PRO B 142 11.24 -13.65 4.31
CA PRO B 142 10.12 -14.59 4.26
C PRO B 142 8.96 -14.25 5.19
N GLU B 143 9.27 -13.70 6.35
CA GLU B 143 8.24 -13.35 7.33
C GLU B 143 7.37 -12.18 6.91
N GLU B 144 7.76 -11.53 5.81
CA GLU B 144 7.02 -10.38 5.29
C GLU B 144 6.10 -10.74 4.13
N LEU B 145 6.09 -12.02 3.75
CA LEU B 145 5.26 -12.50 2.64
C LEU B 145 4.22 -13.44 3.23
N PHE B 146 2.97 -13.32 2.77
CA PHE B 146 1.89 -14.12 3.34
C PHE B 146 1.07 -14.95 2.38
N GLU B 147 0.48 -16.01 2.93
CA GLU B 147 -0.38 -16.92 2.18
C GLU B 147 -1.75 -16.77 2.85
N TYR B 148 -2.70 -16.23 2.10
CA TYR B 148 -4.04 -16.03 2.64
C TYR B 148 -5.04 -16.00 1.50
N PRO B 149 -6.32 -16.19 1.80
CA PRO B 149 -7.34 -16.17 0.75
C PRO B 149 -7.91 -14.82 0.36
N ARG B 150 -7.99 -14.58 -0.94
CA ARG B 150 -8.63 -13.36 -1.42
C ARG B 150 -10.06 -13.85 -1.59
N ALA B 151 -11.01 -12.92 -1.61
CA ALA B 151 -12.43 -13.26 -1.71
C ALA B 151 -12.82 -14.36 -2.70
N ALA B 152 -12.44 -14.20 -3.95
CA ALA B 152 -12.84 -15.16 -4.99
C ALA B 152 -11.95 -16.39 -5.21
N ASP B 153 -10.96 -16.61 -4.36
CA ASP B 153 -10.08 -17.76 -4.55
C ASP B 153 -10.82 -19.09 -4.69
N TRP B 154 -11.86 -19.28 -3.87
CA TRP B 154 -12.65 -20.52 -3.91
C TRP B 154 -13.27 -20.81 -5.26
N PHE B 155 -13.62 -19.76 -6.00
CA PHE B 155 -14.24 -19.91 -7.30
C PHE B 155 -13.38 -20.66 -8.31
N TYR B 156 -12.07 -20.45 -8.23
CA TYR B 156 -11.15 -21.06 -9.17
C TYR B 156 -10.61 -22.44 -8.79
N LYS B 157 -11.07 -22.98 -7.66
CA LYS B 157 -10.61 -24.29 -7.23
C LYS B 157 -10.81 -25.31 -8.35
N LYS B 158 -9.72 -25.97 -8.74
CA LYS B 158 -9.75 -26.95 -9.81
C LYS B 158 -9.99 -28.35 -9.27
CL CL C . -21.22 8.64 8.55
P AMP D . -14.32 3.11 18.99
O1P AMP D . -15.85 3.50 19.30
O2P AMP D . -13.62 2.89 20.43
O3P AMP D . -13.63 4.13 18.16
O5' AMP D . -14.36 1.66 18.30
C5' AMP D . -13.23 1.17 17.59
C4' AMP D . -13.54 -0.17 16.92
O4' AMP D . -13.97 -1.16 17.87
C3' AMP D . -14.70 -0.06 15.93
O3' AMP D . -14.22 0.47 14.70
C2' AMP D . -14.97 -1.55 15.77
O2' AMP D . -13.87 -2.17 15.12
C1' AMP D . -14.99 -1.97 17.25
N9 AMP D . -16.30 -1.60 17.85
C8 AMP D . -16.60 -0.42 18.40
N7 AMP D . -17.85 -0.46 18.86
C5 AMP D . -18.35 -1.67 18.61
C6 AMP D . -19.56 -2.29 18.85
N6 AMP D . -20.54 -1.63 19.46
N1 AMP D . -19.74 -3.55 18.45
C2 AMP D . -18.77 -4.22 17.83
N3 AMP D . -17.60 -3.65 17.59
C4 AMP D . -17.35 -2.39 17.96
CL CL E . 2.96 -0.80 -24.21
P AMP F . 15.19 -2.64 -19.83
O1P AMP F . 13.71 -3.17 -20.17
O2P AMP F . 15.93 -3.84 -19.07
O3P AMP F . 15.92 -2.18 -21.02
O5' AMP F . 15.00 -1.47 -18.73
C5' AMP F . 14.62 -1.81 -17.40
C4' AMP F . 14.54 -0.55 -16.52
O4' AMP F . 15.79 0.16 -16.48
C3' AMP F . 13.54 0.47 -17.07
O3' AMP F . 12.22 0.07 -16.72
C2' AMP F . 13.96 1.65 -16.19
O2' AMP F . 13.60 1.38 -14.83
C1' AMP F . 15.48 1.56 -16.35
N9 AMP F . 15.89 2.24 -17.60
C8 AMP F . 16.13 1.64 -18.77
N7 AMP F . 16.52 2.55 -19.66
C5 AMP F . 16.53 3.74 -19.06
C6 AMP F . 16.85 5.03 -19.46
N6 AMP F . 17.25 5.27 -20.71
N1 AMP F . 16.75 6.03 -18.57
C2 AMP F . 16.36 5.80 -17.33
N3 AMP F . 16.05 4.58 -16.91
C4 AMP F . 16.13 3.54 -17.74
#